data_8W13
#
_entry.id   8W13
#
_cell.length_a   46.568
_cell.length_b   58.989
_cell.length_c   119.062
_cell.angle_alpha   90.00
_cell.angle_beta   90.00
_cell.angle_gamma   90.00
#
_symmetry.space_group_name_H-M   'P 21 21 21'
#
loop_
_entity.id
_entity.type
_entity.pdbx_description
1 polymer 'Histone acetyltransferase KAT8'
2 non-polymer N-[(1M)-1-(5-bromo-2-methoxyphenyl)-1H-1,2,3-triazol-4-yl]-2-methoxybenzene-1-sulfonamide
3 non-polymer 1,2-ETHANEDIOL
4 non-polymer 'CHLORIDE ION'
5 non-polymer 'ZINC ION'
6 water water
#
_entity_poly.entity_id   1
_entity_poly.type   'polypeptide(L)'
_entity_poly.pdbx_seq_one_letter_code
;GSTKVKYVDKIHIGNYEIDAWYFSPFPEDYGKQPKLWLCEYCLKYMKYEKSYRFHLGQCQWRQPPGKEIYRKSNISVHEV
DGKDHKIYCQNLCLLAKLFLDH(ALY)TLYFDVEPFVFYILTEVDRQGAHIVGYFSKEKESPDGNNVSCIMILPPYQRRG
YGRFLIAFSYELSKLESTVGSPEKPLSDLGKLSYRSYWSSVLLENLRDFRGTLSIKDLSQMTSITQNDIISTLQSLNMVK
YWKGQHVICVTPKLVEEHLKSAQYKKPPITVDSVCLKWAPPK
;
_entity_poly.pdbx_strand_id   A
#
# COMPACT_ATOMS: atom_id res chain seq x y z
N VAL A 5 -4.40 17.79 -26.57
CA VAL A 5 -5.07 16.67 -25.80
C VAL A 5 -5.18 17.04 -24.33
N LYS A 6 -6.37 17.40 -23.84
CA LYS A 6 -6.55 17.77 -22.41
C LYS A 6 -6.43 16.48 -21.57
N TYR A 7 -5.65 16.50 -20.51
CA TYR A 7 -5.55 15.36 -19.56
C TYR A 7 -6.68 15.43 -18.52
N VAL A 8 -7.03 14.30 -17.91
CA VAL A 8 -7.94 14.30 -16.72
C VAL A 8 -7.25 15.14 -15.64
N ASP A 9 -7.92 16.14 -15.09
CA ASP A 9 -7.23 16.96 -14.05
C ASP A 9 -7.92 16.87 -12.69
N LYS A 10 -9.11 16.29 -12.64
CA LYS A 10 -9.93 16.31 -11.42
C LYS A 10 -10.85 15.10 -11.46
N ILE A 11 -11.01 14.40 -10.35
CA ILE A 11 -11.99 13.27 -10.25
C ILE A 11 -12.95 13.59 -9.12
N HIS A 12 -14.14 13.03 -9.26
CA HIS A 12 -15.14 12.97 -8.21
C HIS A 12 -15.26 11.50 -7.82
N ILE A 13 -15.06 11.19 -6.55
CA ILE A 13 -15.21 9.79 -6.07
C ILE A 13 -15.88 9.87 -4.70
N GLY A 14 -17.02 9.24 -4.57
CA GLY A 14 -17.83 9.35 -3.34
C GLY A 14 -18.20 10.80 -3.09
N ASN A 15 -17.83 11.32 -1.94
CA ASN A 15 -18.07 12.72 -1.55
C ASN A 15 -16.84 13.59 -1.81
N TYR A 16 -15.80 13.10 -2.46
CA TYR A 16 -14.54 13.85 -2.65
C TYR A 16 -14.39 14.31 -4.10
N GLU A 17 -13.85 15.51 -4.27
N GLU A 17 -13.89 15.53 -4.25
CA GLU A 17 -13.31 15.96 -5.55
CA GLU A 17 -13.30 16.05 -5.51
C GLU A 17 -11.80 16.10 -5.34
C GLU A 17 -11.78 16.05 -5.28
N ILE A 18 -11.01 15.39 -6.14
CA ILE A 18 -9.54 15.30 -5.94
C ILE A 18 -8.83 15.74 -7.22
N ASP A 19 -7.87 16.65 -7.10
CA ASP A 19 -7.03 17.12 -8.23
C ASP A 19 -6.02 16.06 -8.60
N ALA A 20 -5.76 15.87 -9.89
CA ALA A 20 -4.71 14.95 -10.40
C ALA A 20 -3.32 15.47 -10.04
N TRP A 21 -2.39 14.54 -9.86
CA TRP A 21 -0.94 14.85 -9.70
C TRP A 21 -0.20 14.52 -10.99
N TYR A 22 -0.70 13.55 -11.77
CA TYR A 22 0.01 13.04 -12.96
C TYR A 22 -0.98 12.65 -14.06
N PHE A 23 -0.44 12.57 -15.26
CA PHE A 23 -1.11 11.99 -16.42
C PHE A 23 -1.50 10.55 -16.09
N SER A 24 -2.68 10.17 -16.53
CA SER A 24 -3.16 8.78 -16.55
C SER A 24 -3.88 8.55 -17.85
N PRO A 25 -3.59 7.44 -18.54
CA PRO A 25 -4.07 7.19 -19.91
C PRO A 25 -5.51 6.66 -19.99
N PHE A 26 -6.42 7.40 -19.38
CA PHE A 26 -7.85 7.23 -19.65
C PHE A 26 -8.03 7.57 -21.14
N PRO A 27 -9.02 6.95 -21.81
CA PRO A 27 -9.32 7.30 -23.20
C PRO A 27 -9.46 8.83 -23.39
N GLU A 28 -9.06 9.31 -24.57
CA GLU A 28 -8.89 10.76 -24.84
C GLU A 28 -10.19 11.52 -24.53
N ASP A 29 -11.35 10.96 -24.90
CA ASP A 29 -12.66 11.64 -24.71
C ASP A 29 -12.95 11.87 -23.20
N TYR A 30 -12.32 11.12 -22.30
CA TYR A 30 -12.62 11.19 -20.84
C TYR A 30 -11.92 12.46 -20.26
N GLY A 31 -10.86 12.91 -20.90
CA GLY A 31 -10.10 14.10 -20.46
C GLY A 31 -10.77 15.39 -20.84
N LYS A 32 -11.77 15.34 -21.73
CA LYS A 32 -12.35 16.53 -22.40
C LYS A 32 -13.32 17.27 -21.48
N GLN A 33 -13.90 16.59 -20.47
CA GLN A 33 -14.93 17.19 -19.57
C GLN A 33 -14.21 17.83 -18.39
N PRO A 34 -14.86 18.78 -17.66
CA PRO A 34 -14.25 19.39 -16.48
C PRO A 34 -13.80 18.37 -15.39
N LYS A 35 -14.57 17.30 -15.20
CA LYS A 35 -14.24 16.25 -14.20
C LYS A 35 -14.47 14.85 -14.80
N LEU A 36 -13.79 13.88 -14.22
CA LEU A 36 -14.10 12.46 -14.39
C LEU A 36 -14.79 11.96 -13.13
N TRP A 37 -15.88 11.21 -13.26
CA TRP A 37 -16.73 10.82 -12.13
C TRP A 37 -16.56 9.31 -11.91
N LEU A 38 -16.15 8.89 -10.72
CA LEU A 38 -15.88 7.45 -10.47
C LEU A 38 -16.87 6.91 -9.44
N CYS A 39 -17.52 5.80 -9.73
CA CYS A 39 -18.25 5.00 -8.71
C CYS A 39 -17.24 4.58 -7.66
N GLU A 40 -17.47 4.91 -6.37
CA GLU A 40 -16.49 4.61 -5.32
C GLU A 40 -16.46 3.11 -5.06
N TYR A 41 -17.45 2.33 -5.50
CA TYR A 41 -17.53 0.88 -5.20
C TYR A 41 -17.03 0.03 -6.37
N CYS A 42 -17.46 0.27 -7.60
CA CYS A 42 -17.06 -0.58 -8.76
C CYS A 42 -15.99 0.12 -9.61
N LEU A 43 -15.70 1.39 -9.35
CA LEU A 43 -14.62 2.20 -9.98
C LEU A 43 -14.90 2.43 -11.45
N LYS A 44 -16.14 2.25 -11.88
CA LYS A 44 -16.55 2.68 -13.23
C LYS A 44 -16.28 4.21 -13.34
N TYR A 45 -15.68 4.65 -14.43
CA TYR A 45 -15.42 6.08 -14.67
C TYR A 45 -16.46 6.57 -15.69
N MET A 46 -17.00 7.77 -15.42
CA MET A 46 -18.12 8.35 -16.20
C MET A 46 -17.81 9.82 -16.55
N LYS A 47 -18.37 10.29 -17.63
CA LYS A 47 -18.00 11.60 -18.20
C LYS A 47 -18.83 12.73 -17.63
N TYR A 48 -20.02 12.43 -17.10
CA TYR A 48 -21.05 13.46 -16.79
C TYR A 48 -21.58 13.27 -15.38
N GLU A 49 -21.94 14.39 -14.75
CA GLU A 49 -22.64 14.33 -13.44
C GLU A 49 -23.91 13.48 -13.60
N LYS A 50 -24.63 13.62 -14.70
CA LYS A 50 -25.93 12.91 -14.86
C LYS A 50 -25.73 11.39 -15.04
N SER A 51 -24.72 10.96 -15.80
CA SER A 51 -24.45 9.50 -15.94
C SER A 51 -23.96 8.95 -14.60
N TYR A 52 -23.18 9.72 -13.85
CA TYR A 52 -22.70 9.33 -12.51
C TYR A 52 -23.90 9.12 -11.56
N ARG A 53 -24.82 10.08 -11.49
CA ARG A 53 -25.99 10.01 -10.56
C ARG A 53 -26.89 8.83 -10.95
N PHE A 54 -27.08 8.62 -12.25
CA PHE A 54 -27.86 7.45 -12.72
C PHE A 54 -27.21 6.15 -12.20
N HIS A 55 -25.91 6.05 -12.43
CA HIS A 55 -25.10 4.87 -12.03
C HIS A 55 -25.22 4.63 -10.52
N LEU A 56 -25.12 5.67 -9.72
CA LEU A 56 -25.16 5.48 -8.25
C LEU A 56 -26.52 4.94 -7.79
N GLY A 57 -27.61 5.21 -8.52
CA GLY A 57 -28.94 4.67 -8.17
C GLY A 57 -29.08 3.23 -8.59
N GLN A 58 -28.30 2.77 -9.57
CA GLN A 58 -28.46 1.42 -10.19
C GLN A 58 -27.41 0.46 -9.66
N CYS A 59 -26.21 0.94 -9.35
CA CYS A 59 -25.09 0.05 -9.00
C CYS A 59 -25.33 -0.59 -7.62
N GLN A 60 -25.15 -1.90 -7.54
CA GLN A 60 -25.50 -2.69 -6.34
C GLN A 60 -24.26 -2.89 -5.47
N TRP A 61 -23.07 -2.65 -6.02
CA TRP A 61 -21.83 -2.88 -5.24
C TRP A 61 -21.74 -1.89 -4.07
N ARG A 62 -21.30 -2.38 -2.89
CA ARG A 62 -21.04 -1.52 -1.72
C ARG A 62 -19.71 -1.88 -1.11
N GLN A 63 -18.87 -2.57 -1.88
CA GLN A 63 -17.53 -2.99 -1.45
C GLN A 63 -16.77 -3.43 -2.68
N PRO A 64 -15.47 -3.68 -2.55
CA PRO A 64 -14.68 -4.24 -3.65
C PRO A 64 -15.12 -5.68 -3.94
N PRO A 65 -14.81 -6.17 -5.16
CA PRO A 65 -15.01 -7.56 -5.49
C PRO A 65 -13.93 -8.39 -4.78
N GLY A 66 -13.86 -9.67 -5.09
CA GLY A 66 -12.88 -10.57 -4.48
C GLY A 66 -13.26 -10.95 -3.07
N LYS A 67 -12.29 -11.37 -2.29
CA LYS A 67 -12.51 -11.99 -0.96
C LYS A 67 -12.06 -11.01 0.12
N GLU A 68 -12.86 -10.78 1.16
CA GLU A 68 -12.42 -9.97 2.32
C GLU A 68 -11.49 -10.85 3.16
N ILE A 69 -10.18 -10.63 3.05
CA ILE A 69 -9.17 -11.45 3.75
C ILE A 69 -8.76 -10.85 5.10
N TYR A 70 -9.22 -9.64 5.40
CA TYR A 70 -8.87 -8.97 6.67
C TYR A 70 -10.03 -8.08 7.09
N ARG A 71 -10.46 -8.23 8.34
CA ARG A 71 -11.49 -7.33 8.87
C ARG A 71 -11.22 -7.19 10.37
N LYS A 72 -10.98 -5.98 10.81
CA LYS A 72 -10.87 -5.67 12.26
C LYS A 72 -11.54 -4.33 12.48
N SER A 73 -12.52 -4.30 13.36
CA SER A 73 -13.40 -3.13 13.50
C SER A 73 -13.90 -2.78 12.08
N ASN A 74 -13.77 -1.51 11.66
CA ASN A 74 -14.32 -1.07 10.36
C ASN A 74 -13.20 -0.96 9.32
N ILE A 75 -12.07 -1.62 9.52
CA ILE A 75 -10.95 -1.67 8.52
C ILE A 75 -10.97 -3.03 7.84
N SER A 76 -11.02 -3.02 6.51
CA SER A 76 -11.14 -4.24 5.67
C SER A 76 -10.06 -4.24 4.58
N VAL A 77 -9.54 -5.42 4.22
CA VAL A 77 -8.75 -5.60 2.97
C VAL A 77 -9.43 -6.66 2.14
N HIS A 78 -9.61 -6.39 0.85
CA HIS A 78 -10.09 -7.37 -0.14
C HIS A 78 -8.91 -7.77 -1.05
N GLU A 79 -8.80 -9.04 -1.35
CA GLU A 79 -7.84 -9.59 -2.32
C GLU A 79 -8.57 -9.81 -3.63
N VAL A 80 -8.07 -9.19 -4.69
CA VAL A 80 -8.73 -9.18 -6.03
C VAL A 80 -7.71 -9.64 -7.05
N ASP A 81 -7.96 -10.77 -7.69
CA ASP A 81 -7.10 -11.31 -8.75
C ASP A 81 -7.38 -10.53 -10.01
N GLY A 82 -6.34 -9.99 -10.64
CA GLY A 82 -6.48 -9.27 -11.92
C GLY A 82 -7.09 -10.12 -13.01
N LYS A 83 -6.91 -11.44 -12.96
CA LYS A 83 -7.47 -12.33 -14.01
C LYS A 83 -9.00 -12.46 -13.85
N ASP A 84 -9.49 -12.46 -12.62
CA ASP A 84 -10.92 -12.71 -12.31
C ASP A 84 -11.76 -11.42 -12.39
N HIS A 85 -11.16 -10.25 -12.13
CA HIS A 85 -11.87 -8.95 -12.02
C HIS A 85 -11.13 -7.91 -12.86
N LYS A 86 -10.96 -8.18 -14.16
CA LYS A 86 -10.05 -7.38 -15.01
C LYS A 86 -10.50 -5.93 -15.10
N ILE A 87 -11.78 -5.65 -15.36
CA ILE A 87 -12.20 -4.23 -15.55
C ILE A 87 -12.03 -3.48 -14.24
N TYR A 88 -12.44 -4.07 -13.14
CA TYR A 88 -12.25 -3.39 -11.84
C TYR A 88 -10.77 -3.04 -11.69
N CYS A 89 -9.89 -4.01 -11.90
CA CYS A 89 -8.44 -3.81 -11.68
C CYS A 89 -7.89 -2.77 -12.67
N GLN A 90 -8.34 -2.74 -13.92
CA GLN A 90 -7.86 -1.72 -14.87
C GLN A 90 -8.29 -0.34 -14.35
N ASN A 91 -9.54 -0.26 -13.88
CA ASN A 91 -10.12 1.03 -13.38
C ASN A 91 -9.26 1.51 -12.20
N LEU A 92 -8.91 0.60 -11.30
CA LEU A 92 -8.10 0.89 -10.11
C LEU A 92 -6.72 1.38 -10.55
N CYS A 93 -6.11 0.74 -11.54
CA CYS A 93 -4.77 1.15 -12.02
C CYS A 93 -4.79 2.55 -12.66
N LEU A 94 -5.85 2.91 -13.39
CA LEU A 94 -5.95 4.24 -14.04
C LEU A 94 -6.15 5.30 -12.95
N LEU A 95 -6.95 5.00 -11.93
CA LEU A 95 -7.13 5.87 -10.76
C LEU A 95 -5.78 6.07 -10.08
N ALA A 96 -5.09 4.97 -9.77
CA ALA A 96 -3.74 4.98 -9.13
C ALA A 96 -2.75 5.88 -9.88
N LYS A 97 -2.73 5.81 -11.20
CA LYS A 97 -1.75 6.52 -12.04
C LYS A 97 -1.94 8.03 -11.94
N LEU A 98 -3.12 8.49 -11.51
CA LEU A 98 -3.31 9.94 -11.28
C LEU A 98 -2.43 10.43 -10.13
N PHE A 99 -2.00 9.55 -9.24
CA PHE A 99 -1.26 9.93 -8.02
C PHE A 99 0.12 9.26 -7.97
N LEU A 100 0.54 8.49 -8.99
CA LEU A 100 1.85 7.77 -9.01
C LEU A 100 2.59 8.16 -10.28
N ASP A 101 3.79 8.70 -10.14
CA ASP A 101 4.61 9.05 -11.31
C ASP A 101 5.07 7.80 -12.05
N HIS A 102 5.43 6.73 -11.33
CA HIS A 102 6.28 5.65 -11.90
C HIS A 102 5.50 4.37 -12.23
N THR A 104 3.52 1.99 -14.54
CA THR A 104 3.62 1.91 -16.02
C THR A 104 2.63 0.90 -16.57
N LEU A 105 1.93 0.13 -15.74
CA LEU A 105 0.97 -0.88 -16.22
C LEU A 105 -0.42 -0.53 -15.72
N TYR A 106 -1.39 -0.52 -16.64
CA TYR A 106 -2.79 -0.13 -16.33
C TYR A 106 -3.79 -1.12 -16.93
N PHE A 107 -3.52 -1.69 -18.09
CA PHE A 107 -4.48 -2.54 -18.83
C PHE A 107 -4.15 -4.03 -18.63
N ASP A 108 -2.86 -4.38 -18.65
N ASP A 108 -2.84 -4.32 -18.59
CA ASP A 108 -2.42 -5.80 -18.59
CA ASP A 108 -2.22 -5.66 -18.46
C ASP A 108 -2.28 -6.19 -17.11
C ASP A 108 -2.25 -6.08 -16.99
N VAL A 109 -3.43 -6.34 -16.45
CA VAL A 109 -3.57 -6.56 -14.98
C VAL A 109 -3.60 -8.04 -14.60
N GLU A 110 -3.71 -8.98 -15.56
N GLU A 110 -3.72 -8.97 -15.56
CA GLU A 110 -3.88 -10.42 -15.24
CA GLU A 110 -3.88 -10.42 -15.22
C GLU A 110 -2.70 -10.92 -14.40
C GLU A 110 -2.70 -10.92 -14.40
N PRO A 111 -1.44 -10.46 -14.59
CA PRO A 111 -0.34 -10.99 -13.79
C PRO A 111 -0.25 -10.57 -12.32
N PHE A 112 -1.22 -9.76 -11.86
CA PHE A 112 -1.18 -9.11 -10.54
C PHE A 112 -2.36 -9.51 -9.68
N VAL A 113 -2.14 -9.43 -8.37
N VAL A 113 -2.15 -9.39 -8.37
CA VAL A 113 -3.20 -9.50 -7.33
CA VAL A 113 -3.23 -9.48 -7.37
C VAL A 113 -3.25 -8.10 -6.72
C VAL A 113 -3.25 -8.12 -6.68
N PHE A 114 -4.44 -7.66 -6.35
CA PHE A 114 -4.65 -6.31 -5.81
C PHE A 114 -5.22 -6.46 -4.41
N TYR A 115 -4.69 -5.69 -3.47
CA TYR A 115 -5.13 -5.69 -2.06
C TYR A 115 -5.74 -4.32 -1.80
N ILE A 116 -7.07 -4.25 -1.63
CA ILE A 116 -7.79 -2.95 -1.56
C ILE A 116 -8.10 -2.71 -0.08
N LEU A 117 -7.70 -1.56 0.44
CA LEU A 117 -7.99 -1.15 1.82
C LEU A 117 -9.26 -0.31 1.83
N THR A 118 -10.22 -0.65 2.69
CA THR A 118 -11.46 0.14 2.82
C THR A 118 -11.72 0.42 4.29
N GLU A 119 -12.37 1.55 4.53
CA GLU A 119 -12.92 1.96 5.84
C GLU A 119 -14.44 1.87 5.70
N VAL A 120 -15.09 1.17 6.61
CA VAL A 120 -16.50 0.76 6.46
C VAL A 120 -17.39 1.65 7.33
N ASP A 121 -18.55 2.00 6.79
CA ASP A 121 -19.64 2.59 7.61
C ASP A 121 -20.95 1.94 7.19
N ARG A 122 -22.08 2.45 7.65
CA ARG A 122 -23.37 1.77 7.37
C ARG A 122 -23.70 1.84 5.88
N GLN A 123 -23.14 2.81 5.13
CA GLN A 123 -23.40 2.95 3.67
C GLN A 123 -22.63 1.89 2.85
N GLY A 124 -21.41 1.55 3.25
CA GLY A 124 -20.55 0.68 2.44
C GLY A 124 -19.09 0.70 2.85
N ALA A 125 -18.26 0.02 2.08
CA ALA A 125 -16.79 -0.08 2.31
C ALA A 125 -16.11 0.89 1.36
N HIS A 126 -15.52 1.94 1.90
CA HIS A 126 -15.04 3.12 1.15
C HIS A 126 -13.54 2.93 0.89
N ILE A 127 -13.14 3.00 -0.37
CA ILE A 127 -11.74 2.76 -0.77
C ILE A 127 -10.82 3.85 -0.23
N VAL A 128 -9.73 3.43 0.38
CA VAL A 128 -8.68 4.34 0.93
C VAL A 128 -7.45 4.26 0.04
N GLY A 129 -7.08 3.05 -0.36
CA GLY A 129 -5.88 2.85 -1.14
C GLY A 129 -5.71 1.37 -1.46
N TYR A 130 -4.59 1.02 -2.02
CA TYR A 130 -4.35 -0.39 -2.42
C TYR A 130 -2.85 -0.62 -2.57
N PHE A 131 -2.49 -1.87 -2.69
CA PHE A 131 -1.24 -2.24 -3.36
C PHE A 131 -1.45 -3.44 -4.29
N SER A 132 -0.64 -3.45 -5.34
CA SER A 132 -0.58 -4.53 -6.34
C SER A 132 0.64 -5.37 -6.04
N LYS A 133 0.58 -6.63 -6.44
CA LYS A 133 1.67 -7.59 -6.20
C LYS A 133 1.70 -8.55 -7.39
N GLU A 134 2.86 -8.75 -7.99
CA GLU A 134 3.01 -9.70 -9.10
C GLU A 134 2.77 -11.09 -8.53
N LYS A 135 2.00 -11.92 -9.22
CA LYS A 135 1.88 -13.34 -8.85
C LYS A 135 3.25 -14.01 -8.91
N GLU A 136 4.07 -13.63 -9.88
CA GLU A 136 5.44 -14.18 -10.07
C GLU A 136 6.39 -13.02 -10.23
N SER A 137 7.15 -12.71 -9.19
CA SER A 137 8.08 -11.56 -9.24
C SER A 137 9.50 -12.09 -9.49
N PRO A 138 10.09 -11.85 -10.68
CA PRO A 138 11.48 -12.25 -10.90
C PRO A 138 12.47 -11.65 -9.88
N ASP A 139 12.09 -10.58 -9.17
CA ASP A 139 13.01 -9.81 -8.27
C ASP A 139 12.60 -9.98 -6.81
N GLY A 140 11.59 -10.76 -6.45
CA GLY A 140 11.17 -10.80 -5.03
C GLY A 140 10.66 -9.43 -4.58
N ASN A 141 9.77 -8.87 -5.38
CA ASN A 141 9.06 -7.68 -4.89
C ASN A 141 7.79 -8.13 -4.20
N ASN A 142 7.54 -7.67 -2.99
CA ASN A 142 6.30 -8.02 -2.27
C ASN A 142 5.21 -6.96 -2.49
N VAL A 143 5.56 -5.87 -3.18
CA VAL A 143 4.65 -4.80 -3.61
C VAL A 143 5.17 -4.34 -4.98
N SER A 144 4.27 -4.22 -5.94
N SER A 144 4.26 -4.17 -5.93
CA SER A 144 4.56 -3.59 -7.26
CA SER A 144 4.58 -3.56 -7.24
C SER A 144 4.30 -2.09 -7.12
C SER A 144 4.30 -2.07 -7.15
N CYS A 145 3.04 -1.69 -6.96
CA CYS A 145 2.67 -0.28 -6.69
C CYS A 145 1.84 -0.19 -5.42
N ILE A 146 1.93 0.93 -4.75
CA ILE A 146 1.13 1.16 -3.52
C ILE A 146 0.68 2.61 -3.56
N MET A 147 -0.58 2.88 -3.24
CA MET A 147 -1.13 4.24 -3.34
C MET A 147 -2.16 4.45 -2.23
N ILE A 148 -2.13 5.61 -1.58
CA ILE A 148 -3.19 6.07 -0.67
C ILE A 148 -3.82 7.30 -1.32
N LEU A 149 -5.14 7.41 -1.32
CA LEU A 149 -5.78 8.56 -1.99
C LEU A 149 -5.53 9.82 -1.17
N PRO A 150 -5.35 10.97 -1.82
CA PRO A 150 -4.94 12.18 -1.10
C PRO A 150 -5.68 12.51 0.20
N PRO A 151 -7.03 12.43 0.27
CA PRO A 151 -7.74 12.75 1.51
C PRO A 151 -7.37 11.87 2.72
N TYR A 152 -6.80 10.68 2.49
CA TYR A 152 -6.43 9.72 3.55
C TYR A 152 -4.91 9.75 3.78
N GLN A 153 -4.16 10.60 3.09
CA GLN A 153 -2.69 10.55 3.24
C GLN A 153 -2.24 11.07 4.61
N ARG A 154 -1.06 10.61 5.04
CA ARG A 154 -0.38 11.01 6.29
C ARG A 154 -1.27 10.77 7.51
N ARG A 155 -2.03 9.68 7.53
CA ARG A 155 -3.05 9.41 8.58
C ARG A 155 -2.92 7.95 9.04
N GLY A 156 -1.82 7.25 8.68
CA GLY A 156 -1.55 5.90 9.18
C GLY A 156 -1.99 4.77 8.25
N TYR A 157 -2.69 5.08 7.15
CA TYR A 157 -3.25 4.01 6.26
C TYR A 157 -2.14 3.42 5.40
N GLY A 158 -1.17 4.25 5.00
CA GLY A 158 0.02 3.80 4.26
C GLY A 158 0.83 2.83 5.09
N ARG A 159 1.12 3.20 6.33
N ARG A 159 1.13 3.23 6.32
CA ARG A 159 1.89 2.30 7.25
CA ARG A 159 1.85 2.38 7.32
C ARG A 159 1.12 0.98 7.35
C ARG A 159 1.13 1.02 7.37
N PHE A 160 -0.20 1.05 7.55
CA PHE A 160 -1.02 -0.18 7.66
C PHE A 160 -0.81 -1.08 6.43
N LEU A 161 -0.90 -0.54 5.22
CA LEU A 161 -0.82 -1.31 3.96
C LEU A 161 0.59 -1.87 3.81
N ILE A 162 1.60 -1.11 4.20
CA ILE A 162 2.98 -1.63 4.15
C ILE A 162 3.09 -2.81 5.13
N ALA A 163 2.64 -2.62 6.36
CA ALA A 163 2.64 -3.71 7.38
C ALA A 163 1.95 -4.94 6.79
N PHE A 164 0.81 -4.73 6.13
CA PHE A 164 -0.01 -5.81 5.54
C PHE A 164 0.80 -6.57 4.49
N SER A 165 1.56 -5.86 3.65
CA SER A 165 2.38 -6.47 2.58
C SER A 165 3.43 -7.39 3.25
N TYR A 166 4.02 -7.01 4.38
CA TYR A 166 5.04 -7.85 5.04
C TYR A 166 4.39 -9.02 5.80
N GLU A 167 3.16 -8.84 6.30
CA GLU A 167 2.39 -9.96 6.91
C GLU A 167 2.22 -11.07 5.87
N LEU A 168 1.93 -10.73 4.62
CA LEU A 168 1.81 -11.76 3.56
C LEU A 168 3.19 -12.41 3.36
N SER A 169 4.25 -11.62 3.26
CA SER A 169 5.63 -12.12 2.99
C SER A 169 6.03 -13.11 4.10
N LYS A 170 5.74 -12.77 5.35
CA LYS A 170 6.01 -13.63 6.52
C LYS A 170 5.26 -14.95 6.38
N LEU A 171 4.00 -14.94 5.94
CA LEU A 171 3.24 -16.21 5.76
C LEU A 171 3.83 -17.00 4.59
N GLU A 172 4.39 -16.33 3.61
CA GLU A 172 5.05 -17.00 2.45
C GLU A 172 6.46 -17.46 2.81
N SER A 173 6.96 -17.18 4.02
CA SER A 173 8.34 -17.51 4.48
C SER A 173 9.35 -16.93 3.50
N THR A 174 9.17 -15.68 3.10
CA THR A 174 10.08 -15.04 2.15
C THR A 174 10.33 -13.59 2.59
N VAL A 175 11.45 -13.04 2.17
CA VAL A 175 11.72 -11.59 2.32
C VAL A 175 11.14 -10.95 1.08
N GLY A 176 10.86 -9.68 1.14
CA GLY A 176 10.49 -8.92 -0.04
C GLY A 176 10.74 -7.46 0.17
N SER A 177 10.79 -6.73 -0.93
CA SER A 177 10.98 -5.27 -0.98
C SER A 177 9.99 -4.70 -1.99
N PRO A 178 9.50 -3.47 -1.78
CA PRO A 178 8.72 -2.81 -2.80
C PRO A 178 9.55 -2.62 -4.07
N GLU A 179 8.88 -2.72 -5.20
CA GLU A 179 9.50 -2.40 -6.51
C GLU A 179 9.85 -0.92 -6.55
N LYS A 180 11.05 -0.64 -7.06
CA LYS A 180 11.54 0.74 -7.25
C LYS A 180 11.29 1.15 -8.69
N PRO A 181 11.24 2.46 -8.97
CA PRO A 181 11.38 3.51 -7.96
C PRO A 181 10.11 3.76 -7.13
N LEU A 182 10.30 4.18 -5.88
CA LEU A 182 9.22 4.47 -4.92
C LEU A 182 8.75 5.92 -5.14
N SER A 183 7.53 6.24 -4.71
CA SER A 183 7.03 7.64 -4.62
C SER A 183 7.76 8.37 -3.49
N ASP A 184 7.72 9.70 -3.49
CA ASP A 184 8.30 10.53 -2.41
C ASP A 184 7.65 10.15 -1.08
N LEU A 185 6.31 10.08 -1.06
CA LEU A 185 5.54 9.67 0.14
C LEU A 185 5.92 8.23 0.50
N GLY A 186 6.06 7.38 -0.52
CA GLY A 186 6.35 5.95 -0.33
C GLY A 186 7.66 5.79 0.38
N LYS A 187 8.70 6.51 -0.07
CA LYS A 187 10.01 6.46 0.61
C LYS A 187 9.85 6.82 2.08
N LEU A 188 9.16 7.91 2.41
CA LEU A 188 8.99 8.32 3.83
C LEU A 188 8.25 7.22 4.59
N SER A 189 7.17 6.72 3.99
CA SER A 189 6.28 5.71 4.59
C SER A 189 7.08 4.44 4.91
N TYR A 190 7.82 3.95 3.95
CA TYR A 190 8.66 2.74 4.13
C TYR A 190 9.76 2.96 5.18
N ARG A 191 10.45 4.09 5.11
N ARG A 191 10.50 4.07 5.13
CA ARG A 191 11.53 4.40 6.07
CA ARG A 191 11.57 4.24 6.16
C ARG A 191 10.94 4.31 7.51
C ARG A 191 10.88 4.24 7.56
N SER A 192 9.79 5.02 7.70
CA SER A 192 9.08 5.10 9.01
C SER A 192 8.69 3.69 9.47
N TYR A 193 8.13 2.87 8.58
CA TYR A 193 7.67 1.50 8.92
C TYR A 193 8.89 0.68 9.35
N TRP A 194 9.92 0.69 8.51
CA TRP A 194 11.10 -0.16 8.77
C TRP A 194 11.75 0.26 10.09
N SER A 195 11.88 1.56 10.32
CA SER A 195 12.45 2.11 11.57
C SER A 195 11.63 1.60 12.74
N SER A 196 10.31 1.67 12.63
CA SER A 196 9.38 1.32 13.73
C SER A 196 9.53 -0.16 14.03
N VAL A 197 9.47 -1.01 13.00
CA VAL A 197 9.54 -2.49 13.18
C VAL A 197 10.88 -2.87 13.81
N LEU A 198 11.98 -2.30 13.32
CA LEU A 198 13.32 -2.72 13.76
C LEU A 198 13.53 -2.31 15.21
N LEU A 199 13.13 -1.09 15.58
CA LEU A 199 13.29 -0.61 16.96
C LEU A 199 12.39 -1.43 17.91
N GLU A 200 11.14 -1.67 17.53
CA GLU A 200 10.16 -2.41 18.38
C GLU A 200 10.77 -3.79 18.65
N ASN A 201 11.33 -4.44 17.63
CA ASN A 201 11.93 -5.80 17.73
C ASN A 201 13.15 -5.80 18.64
N LEU A 202 14.06 -4.86 18.47
CA LEU A 202 15.26 -4.71 19.34
C LEU A 202 14.84 -4.43 20.81
N ARG A 203 13.83 -3.58 21.05
CA ARG A 203 13.27 -3.34 22.41
C ARG A 203 12.76 -4.68 22.98
N ASP A 204 11.76 -5.28 22.33
CA ASP A 204 10.93 -6.38 22.91
C ASP A 204 11.81 -7.61 23.16
N PHE A 205 12.77 -7.90 22.26
CA PHE A 205 13.62 -9.12 22.30
C PHE A 205 14.68 -9.01 23.40
N ARG A 206 14.69 -9.98 24.34
CA ARG A 206 15.78 -10.19 25.34
C ARG A 206 17.00 -10.80 24.66
N GLY A 207 18.14 -10.11 24.71
CA GLY A 207 19.38 -10.52 24.06
C GLY A 207 19.61 -9.76 22.76
N THR A 208 20.62 -10.20 22.00
CA THR A 208 21.17 -9.53 20.79
C THR A 208 20.53 -10.18 19.55
N LEU A 209 20.08 -9.35 18.58
CA LEU A 209 19.61 -9.78 17.24
C LEU A 209 20.64 -9.33 16.20
N SER A 210 20.98 -10.16 15.23
CA SER A 210 21.77 -9.76 14.03
C SER A 210 20.85 -9.18 12.94
N ILE A 211 21.48 -8.64 11.87
CA ILE A 211 20.76 -8.24 10.62
C ILE A 211 20.06 -9.46 9.99
N LYS A 212 20.74 -10.61 9.91
CA LYS A 212 20.11 -11.82 9.32
C LYS A 212 18.90 -12.25 10.17
N ASP A 213 19.00 -12.18 11.50
CA ASP A 213 17.88 -12.54 12.42
C ASP A 213 16.70 -11.58 12.14
N LEU A 214 16.98 -10.29 12.05
CA LEU A 214 15.89 -9.29 11.89
C LEU A 214 15.19 -9.55 10.55
N SER A 215 15.94 -9.97 9.53
CA SER A 215 15.36 -10.24 8.19
C SER A 215 14.40 -11.43 8.27
N GLN A 216 14.81 -12.48 8.96
CA GLN A 216 13.98 -13.72 9.09
C GLN A 216 12.74 -13.39 9.90
N MET A 217 12.86 -12.54 10.91
CA MET A 217 11.74 -12.20 11.80
C MET A 217 10.72 -11.29 11.10
N THR A 218 11.16 -10.40 10.23
CA THR A 218 10.32 -9.27 9.73
C THR A 218 9.94 -9.44 8.26
N SER A 219 10.67 -10.27 7.50
CA SER A 219 10.62 -10.39 6.02
C SER A 219 11.09 -9.12 5.33
N ILE A 220 11.69 -8.20 6.07
CA ILE A 220 12.39 -7.04 5.45
C ILE A 220 13.71 -7.58 4.88
N THR A 221 14.12 -7.13 3.70
CA THR A 221 15.42 -7.56 3.12
C THR A 221 16.57 -7.05 3.97
N GLN A 222 17.65 -7.83 3.99
CA GLN A 222 18.90 -7.36 4.66
C GLN A 222 19.28 -5.97 4.13
N ASN A 223 19.15 -5.71 2.83
CA ASN A 223 19.53 -4.37 2.30
C ASN A 223 18.64 -3.27 2.92
N ASP A 224 17.33 -3.51 3.04
CA ASP A 224 16.43 -2.47 3.59
C ASP A 224 16.70 -2.29 5.10
N ILE A 225 17.05 -3.36 5.79
CA ILE A 225 17.42 -3.30 7.22
C ILE A 225 18.69 -2.46 7.36
N ILE A 226 19.67 -2.73 6.50
CA ILE A 226 20.98 -2.01 6.56
C ILE A 226 20.77 -0.53 6.32
N SER A 227 20.01 -0.16 5.30
CA SER A 227 19.84 1.28 5.00
C SER A 227 19.12 1.95 6.18
N THR A 228 18.18 1.24 6.81
CA THR A 228 17.41 1.78 7.95
C THR A 228 18.33 1.96 9.16
N LEU A 229 19.11 0.93 9.49
CA LEU A 229 20.06 1.00 10.62
C LEU A 229 21.07 2.14 10.36
N GLN A 230 21.48 2.35 9.12
CA GLN A 230 22.41 3.47 8.78
C GLN A 230 21.72 4.78 9.17
N SER A 231 20.44 4.93 8.82
CA SER A 231 19.65 6.15 9.11
C SER A 231 19.51 6.32 10.64
N LEU A 232 19.59 5.26 11.43
CA LEU A 232 19.39 5.33 12.90
C LEU A 232 20.75 5.36 13.64
N ASN A 233 21.87 5.36 12.91
CA ASN A 233 23.24 5.30 13.48
C ASN A 233 23.41 4.02 14.30
N MET A 234 22.95 2.88 13.77
CA MET A 234 22.93 1.62 14.54
C MET A 234 23.66 0.50 13.79
N VAL A 235 24.57 0.86 12.88
CA VAL A 235 25.33 -0.16 12.13
C VAL A 235 26.79 0.31 11.95
N LYS A 236 27.71 -0.63 12.04
CA LYS A 236 29.15 -0.40 11.76
C LYS A 236 29.54 -1.22 10.56
N TYR A 237 30.71 -0.94 9.99
CA TYR A 237 31.28 -1.71 8.87
C TYR A 237 32.55 -2.34 9.41
N TRP A 238 32.73 -3.61 9.13
CA TRP A 238 33.91 -4.33 9.67
C TRP A 238 34.37 -5.40 8.68
N LYS A 239 35.57 -5.24 8.14
CA LYS A 239 36.14 -6.18 7.13
C LYS A 239 35.09 -6.57 6.09
N GLY A 240 34.43 -5.58 5.49
CA GLY A 240 33.53 -5.77 4.34
C GLY A 240 32.14 -6.20 4.74
N GLN A 241 31.79 -6.18 6.03
CA GLN A 241 30.44 -6.62 6.50
C GLN A 241 29.77 -5.55 7.34
N HIS A 242 28.47 -5.33 7.10
CA HIS A 242 27.64 -4.46 7.98
C HIS A 242 27.35 -5.25 9.26
N VAL A 243 27.60 -4.64 10.42
CA VAL A 243 27.41 -5.29 11.76
C VAL A 243 26.53 -4.38 12.61
N ILE A 244 25.44 -4.92 13.14
CA ILE A 244 24.52 -4.11 13.98
C ILE A 244 25.31 -3.64 15.21
N CYS A 245 25.08 -2.41 15.63
CA CYS A 245 25.79 -1.83 16.77
C CYS A 245 24.84 -0.85 17.47
N VAL A 246 24.22 -1.31 18.54
CA VAL A 246 23.21 -0.49 19.26
C VAL A 246 23.24 -0.84 20.75
N THR A 247 22.86 0.11 21.59
CA THR A 247 22.61 -0.09 23.03
C THR A 247 21.10 -0.03 23.24
N PRO A 248 20.55 -0.73 24.24
CA PRO A 248 19.14 -0.57 24.56
C PRO A 248 18.87 0.91 24.85
N LYS A 249 19.87 1.67 25.32
CA LYS A 249 19.76 3.14 25.55
C LYS A 249 19.32 3.85 24.27
N LEU A 250 20.05 3.67 23.17
CA LEU A 250 19.81 4.39 21.89
C LEU A 250 18.47 3.96 21.29
N VAL A 251 18.11 2.68 21.39
CA VAL A 251 16.79 2.16 20.95
C VAL A 251 15.67 2.90 21.72
N GLU A 252 15.82 3.00 23.03
CA GLU A 252 14.82 3.63 23.93
C GLU A 252 14.68 5.12 23.55
N GLU A 253 15.80 5.80 23.33
CA GLU A 253 15.84 7.23 22.94
C GLU A 253 15.00 7.39 21.67
N HIS A 254 15.24 6.57 20.65
CA HIS A 254 14.49 6.64 19.36
C HIS A 254 12.99 6.41 19.62
N LEU A 255 12.64 5.39 20.41
CA LEU A 255 11.21 5.04 20.64
C LEU A 255 10.51 6.14 21.43
N LYS A 256 11.24 6.81 22.33
CA LYS A 256 10.66 7.86 23.21
C LYS A 256 10.66 9.24 22.52
N SER A 257 11.21 9.37 21.31
CA SER A 257 11.35 10.68 20.61
C SER A 257 10.11 10.96 19.76
N ALA A 258 10.00 12.21 19.28
CA ALA A 258 8.91 12.72 18.40
C ALA A 258 9.04 12.11 17.00
N GLN A 259 10.17 11.46 16.68
CA GLN A 259 10.48 10.81 15.38
C GLN A 259 9.80 9.42 15.30
N TYR A 260 9.21 8.96 16.40
CA TYR A 260 8.44 7.69 16.47
C TYR A 260 7.04 7.97 17.03
N LYS A 261 6.02 7.53 16.29
CA LYS A 261 4.59 7.59 16.72
C LYS A 261 4.07 6.15 16.75
N LYS A 262 3.23 5.84 17.76
CA LYS A 262 2.54 4.54 17.83
C LYS A 262 1.64 4.43 16.59
N PRO A 263 1.65 3.29 15.88
CA PRO A 263 0.81 3.11 14.69
C PRO A 263 -0.64 3.36 15.06
N PRO A 264 -1.35 4.24 14.31
CA PRO A 264 -2.79 4.39 14.47
C PRO A 264 -3.53 3.05 14.31
N ILE A 265 -3.20 2.29 13.27
CA ILE A 265 -3.88 1.04 12.87
C ILE A 265 -2.77 0.00 12.79
N THR A 266 -2.97 -1.17 13.37
CA THR A 266 -1.95 -2.23 13.24
C THR A 266 -2.62 -3.42 12.59
N VAL A 267 -1.83 -4.27 11.98
CA VAL A 267 -2.33 -5.54 11.37
C VAL A 267 -2.38 -6.60 12.47
N ASP A 268 -3.57 -7.05 12.81
CA ASP A 268 -3.82 -8.14 13.78
C ASP A 268 -3.78 -9.46 13.01
N SER A 269 -2.73 -10.28 13.18
CA SER A 269 -2.62 -11.64 12.60
C SER A 269 -3.93 -12.41 12.80
N VAL A 270 -4.62 -12.19 13.90
CA VAL A 270 -5.88 -12.92 14.24
C VAL A 270 -7.00 -12.54 13.27
N CYS A 271 -6.94 -11.37 12.65
CA CYS A 271 -8.02 -10.85 11.79
C CYS A 271 -7.71 -11.09 10.31
N LEU A 272 -6.58 -11.74 10.02
CA LEU A 272 -6.13 -12.04 8.65
C LEU A 272 -6.51 -13.48 8.33
N LYS A 273 -7.29 -13.69 7.27
CA LYS A 273 -7.77 -15.02 6.80
C LYS A 273 -7.10 -15.29 5.46
N TRP A 274 -5.86 -15.79 5.45
CA TRP A 274 -5.08 -15.91 4.19
C TRP A 274 -4.11 -17.08 4.26
N ALA A 275 -4.16 -17.95 3.26
CA ALA A 275 -3.17 -19.04 3.06
C ALA A 275 -2.23 -18.63 1.95
N PRO A 276 -0.91 -18.79 2.14
CA PRO A 276 0.06 -18.52 1.07
C PRO A 276 -0.03 -19.49 -0.10
N PRO A 277 0.33 -19.06 -1.34
CA PRO A 277 0.44 -19.97 -2.49
C PRO A 277 1.69 -20.87 -2.46
#